data_5WL6
#
_entry.id   5WL6
#
_cell.length_a   38.180
_cell.length_b   49.570
_cell.length_c   63.100
_cell.angle_alpha   98.68
_cell.angle_beta   92.02
_cell.angle_gamma   107.90
#
_symmetry.space_group_name_H-M   'P 1'
#
loop_
_entity.id
_entity.type
_entity.pdbx_description
1 polymer 'Engineered Chalcone Isomerase AncR7'
2 non-polymer 'CHLORIDE ION'
3 water water
#
_entity_poly.entity_id   1
_entity_poly.type   'polypeptide(L)'
_entity_poly.pdbx_seq_one_letter_code
;SHGMAVTKVTVDGIEFPPTITPPGSSKSLTLLGAGVRGIEIEAIQIKVTAIGVYAEPEVIASHLQKWKGKSASELVEDDG
FFKDLVQAPVEKLVKITMIKPLTGSQYGGAVEENIRDRLKALDKYSEAEEEALEEFREFFKTKSFPKGSVIFFHWSSPST
LQISVSTDGSLPEEAEATIENANVAAALLDVFLGKNSVSPSTKASVAEGISALLMKNKDEKEV
;
_entity_poly.pdbx_strand_id   A,B
#
loop_
_chem_comp.id
_chem_comp.type
_chem_comp.name
_chem_comp.formula
CL non-polymer 'CHLORIDE ION' 'Cl -1'
#
# COMPACT_ATOMS: atom_id res chain seq x y z
N LYS A 8 -6.50 -30.10 -11.58
CA LYS A 8 -5.56 -29.61 -10.57
C LYS A 8 -4.13 -29.93 -10.99
N VAL A 9 -3.17 -29.20 -10.42
CA VAL A 9 -1.79 -29.59 -10.49
C VAL A 9 -1.35 -29.70 -9.03
N THR A 10 -0.80 -30.86 -8.70
CA THR A 10 -0.20 -31.08 -7.40
C THR A 10 1.30 -30.95 -7.45
N VAL A 11 1.83 -30.11 -6.55
CA VAL A 11 3.25 -29.84 -6.44
C VAL A 11 3.78 -30.13 -5.03
N ASP A 12 4.73 -31.04 -4.94
CA ASP A 12 5.31 -31.43 -3.66
C ASP A 12 4.23 -31.76 -2.61
N GLY A 13 3.13 -32.35 -3.07
CA GLY A 13 2.04 -32.70 -2.16
C GLY A 13 1.04 -31.57 -1.97
N ILE A 14 1.34 -30.39 -2.50
CA ILE A 14 0.44 -29.25 -2.40
C ILE A 14 -0.51 -29.17 -3.60
N GLU A 15 -1.82 -29.13 -3.35
CA GLU A 15 -2.79 -28.96 -4.41
C GLU A 15 -2.89 -27.51 -4.87
N PHE A 16 -2.84 -27.32 -6.18
CA PHE A 16 -3.23 -26.09 -6.81
C PHE A 16 -4.54 -26.35 -7.55
N PRO A 17 -5.64 -25.77 -7.07
CA PRO A 17 -6.92 -26.08 -7.68
C PRO A 17 -7.08 -25.43 -9.05
N PRO A 18 -8.01 -25.96 -9.84
CA PRO A 18 -8.25 -25.47 -11.20
C PRO A 18 -8.65 -24.01 -11.27
N THR A 19 -9.28 -23.48 -10.22
CA THR A 19 -9.70 -22.08 -10.18
C THR A 19 -9.49 -21.46 -8.79
N ILE A 20 -9.24 -20.15 -8.75
CA ILE A 20 -9.15 -19.36 -7.51
C ILE A 20 -9.80 -18.01 -7.76
N THR A 21 -10.52 -17.49 -6.77
CA THR A 21 -11.01 -16.12 -6.83
C THR A 21 -10.10 -15.26 -5.97
N PRO A 22 -9.40 -14.30 -6.59
CA PRO A 22 -8.45 -13.47 -5.88
C PRO A 22 -9.08 -12.81 -4.67
N PRO A 23 -8.32 -12.57 -3.58
CA PRO A 23 -8.96 -11.79 -2.51
C PRO A 23 -9.47 -10.45 -3.00
N GLY A 24 -10.64 -10.08 -2.48
CA GLY A 24 -11.28 -8.83 -2.81
C GLY A 24 -11.96 -8.88 -4.17
N SER A 25 -11.86 -10.03 -4.83
CA SER A 25 -12.37 -10.16 -6.18
C SER A 25 -13.58 -11.11 -6.17
N SER A 26 -14.35 -11.03 -7.25
CA SER A 26 -15.45 -11.96 -7.48
C SER A 26 -15.15 -12.86 -8.69
N LYS A 27 -14.28 -12.37 -9.58
CA LYS A 27 -13.97 -13.11 -10.81
C LYS A 27 -13.07 -14.32 -10.52
N SER A 28 -13.44 -15.46 -11.08
CA SER A 28 -12.67 -16.69 -10.91
C SER A 28 -11.58 -16.75 -11.97
N LEU A 29 -10.35 -17.08 -11.56
CA LEU A 29 -9.24 -17.25 -12.50
C LEU A 29 -8.86 -18.73 -12.58
N THR A 30 -8.27 -19.14 -13.70
CA THR A 30 -8.05 -20.55 -13.96
C THR A 30 -6.56 -20.87 -13.97
N LEU A 31 -6.22 -22.06 -13.50
CA LEU A 31 -4.84 -22.51 -13.38
C LEU A 31 -4.16 -22.70 -14.74
N LEU A 32 -3.02 -22.04 -14.91
CA LEU A 32 -2.21 -22.20 -16.11
C LEU A 32 -1.14 -23.24 -15.87
N GLY A 33 -0.61 -23.24 -14.66
CA GLY A 33 0.45 -24.14 -14.29
C GLY A 33 1.00 -23.89 -12.92
N ALA A 34 1.76 -24.86 -12.44
CA ALA A 34 2.34 -24.77 -11.13
C ALA A 34 3.60 -25.53 -11.04
N GLY A 35 4.45 -25.08 -10.13
CA GLY A 35 5.74 -25.68 -9.94
C GLY A 35 6.36 -25.35 -8.61
N VAL A 36 7.64 -25.65 -8.48
CA VAL A 36 8.33 -25.51 -7.23
CA VAL A 36 8.38 -25.53 -7.23
C VAL A 36 9.50 -24.52 -7.39
N ARG A 37 9.75 -23.76 -6.34
CA ARG A 37 10.93 -22.92 -6.30
CA ARG A 37 10.92 -22.90 -6.27
C ARG A 37 11.94 -23.59 -5.39
N GLY A 38 13.05 -24.03 -5.99
CA GLY A 38 14.09 -24.65 -5.22
C GLY A 38 15.39 -23.91 -5.40
N ILE A 39 16.25 -24.04 -4.39
N ILE A 39 16.25 -24.02 -4.40
CA ILE A 39 17.56 -23.43 -4.42
CA ILE A 39 17.56 -23.40 -4.48
C ILE A 39 18.61 -24.51 -4.28
C ILE A 39 18.61 -24.48 -4.28
N GLU A 40 19.75 -24.31 -4.94
CA GLU A 40 20.86 -25.24 -4.83
C GLU A 40 22.17 -24.51 -4.57
N ILE A 41 22.87 -24.95 -3.53
N ILE A 41 22.92 -25.02 -3.59
CA ILE A 41 24.25 -24.51 -3.30
CA ILE A 41 24.24 -24.51 -3.31
C ILE A 41 25.07 -25.72 -2.86
C ILE A 41 25.12 -25.65 -2.78
N GLU A 42 26.26 -25.88 -3.43
CA GLU A 42 27.15 -26.99 -3.05
C GLU A 42 26.38 -28.30 -3.01
N ALA A 43 25.59 -28.51 -4.06
CA ALA A 43 24.84 -29.75 -4.26
C ALA A 43 23.75 -29.99 -3.21
N ILE A 44 23.50 -29.02 -2.34
CA ILE A 44 22.36 -29.12 -1.42
C ILE A 44 21.14 -28.51 -2.10
N GLN A 45 20.02 -29.22 -2.10
CA GLN A 45 18.79 -28.76 -2.74
C GLN A 45 17.72 -28.59 -1.69
N ILE A 46 17.13 -27.42 -1.67
CA ILE A 46 16.08 -27.13 -0.73
C ILE A 46 14.87 -26.50 -1.42
N LYS A 47 13.72 -27.11 -1.21
CA LYS A 47 12.46 -26.62 -1.75
C LYS A 47 11.97 -25.50 -0.84
N VAL A 48 11.81 -24.31 -1.41
N VAL A 48 11.75 -24.31 -1.38
CA VAL A 48 11.40 -23.13 -0.64
CA VAL A 48 11.36 -23.19 -0.53
C VAL A 48 9.87 -22.96 -0.66
C VAL A 48 9.86 -22.90 -0.64
N THR A 49 9.32 -22.88 -1.86
CA THR A 49 7.90 -22.63 -2.09
C THR A 49 7.36 -23.41 -3.28
N ALA A 50 6.05 -23.50 -3.34
CA ALA A 50 5.33 -23.92 -4.53
C ALA A 50 4.55 -22.73 -5.07
N ILE A 51 4.44 -22.67 -6.38
CA ILE A 51 3.99 -21.51 -7.12
C ILE A 51 2.92 -21.92 -8.10
N GLY A 52 1.78 -21.26 -8.07
CA GLY A 52 0.78 -21.44 -9.09
C GLY A 52 0.39 -20.15 -9.77
N VAL A 53 0.14 -20.24 -11.07
CA VAL A 53 -0.14 -19.11 -11.93
C VAL A 53 -1.51 -19.23 -12.56
N TYR A 54 -2.33 -18.21 -12.37
CA TYR A 54 -3.74 -18.16 -12.75
C TYR A 54 -4.05 -16.95 -13.63
N ALA A 55 -4.92 -17.12 -14.62
CA ALA A 55 -5.48 -16.01 -15.42
C ALA A 55 -6.83 -16.42 -15.99
N GLU A 56 -7.45 -15.57 -16.81
CA GLU A 56 -8.73 -15.94 -17.41
C GLU A 56 -8.48 -16.55 -18.80
N PRO A 57 -8.75 -17.86 -18.96
CA PRO A 57 -8.36 -18.65 -20.15
C PRO A 57 -8.60 -17.98 -21.51
N GLU A 58 -9.82 -17.52 -21.77
CA GLU A 58 -10.13 -17.06 -23.11
C GLU A 58 -9.58 -15.64 -23.31
N VAL A 59 -9.60 -14.85 -22.25
CA VAL A 59 -9.05 -13.50 -22.31
C VAL A 59 -7.56 -13.56 -22.62
N ILE A 60 -6.85 -14.51 -22.03
CA ILE A 60 -5.41 -14.56 -22.22
C ILE A 60 -5.10 -15.30 -23.51
N ALA A 61 -5.97 -16.21 -23.92
CA ALA A 61 -5.81 -16.86 -25.21
C ALA A 61 -5.97 -15.84 -26.33
N SER A 62 -6.80 -14.83 -26.10
CA SER A 62 -7.01 -13.76 -27.06
C SER A 62 -5.74 -12.95 -27.35
N HIS A 63 -4.80 -12.92 -26.42
CA HIS A 63 -3.56 -12.15 -26.57
C HIS A 63 -2.37 -13.02 -26.98
N LEU A 64 -2.62 -14.30 -27.26
CA LEU A 64 -1.57 -15.26 -27.52
C LEU A 64 -1.83 -16.09 -28.77
N GLN A 65 -2.68 -15.58 -29.65
CA GLN A 65 -3.08 -16.33 -30.83
C GLN A 65 -1.90 -16.63 -31.75
N LYS A 66 -0.84 -15.83 -31.69
CA LYS A 66 0.32 -16.11 -32.51
C LYS A 66 1.03 -17.39 -32.06
N TRP A 67 0.68 -17.90 -30.88
CA TRP A 67 1.28 -19.13 -30.36
C TRP A 67 0.34 -20.33 -30.49
N LYS A 68 -0.78 -20.13 -31.19
CA LYS A 68 -1.76 -21.19 -31.39
C LYS A 68 -1.14 -22.36 -32.15
N GLY A 69 -1.55 -23.56 -31.77
CA GLY A 69 -1.13 -24.77 -32.45
C GLY A 69 0.22 -25.28 -31.99
N LYS A 70 0.98 -24.43 -31.30
CA LYS A 70 2.31 -24.82 -30.83
C LYS A 70 2.23 -25.78 -29.67
N SER A 71 3.17 -26.72 -29.59
CA SER A 71 3.23 -27.69 -28.51
C SER A 71 3.88 -27.11 -27.25
N ALA A 72 3.78 -27.84 -26.15
CA ALA A 72 4.37 -27.42 -24.88
C ALA A 72 5.88 -27.33 -24.99
N SER A 73 6.47 -28.24 -25.75
CA SER A 73 7.92 -28.25 -26.00
C SER A 73 8.35 -27.03 -26.81
N GLU A 74 7.54 -26.67 -27.79
CA GLU A 74 7.84 -25.52 -28.63
C GLU A 74 7.75 -24.24 -27.82
N LEU A 75 6.64 -24.07 -27.11
CA LEU A 75 6.39 -22.85 -26.33
C LEU A 75 7.43 -22.63 -25.25
N VAL A 76 7.86 -23.69 -24.56
CA VAL A 76 8.67 -23.51 -23.37
C VAL A 76 10.06 -23.02 -23.74
N GLU A 77 10.53 -23.35 -24.94
CA GLU A 77 11.87 -22.92 -25.34
C GLU A 77 11.85 -21.56 -26.08
N ASP A 78 10.67 -20.99 -26.32
CA ASP A 78 10.55 -19.66 -26.94
CA ASP A 78 10.58 -19.66 -26.93
C ASP A 78 10.43 -18.56 -25.87
N ASP A 79 11.51 -17.81 -25.66
CA ASP A 79 11.51 -16.72 -24.69
C ASP A 79 10.47 -15.68 -25.00
N GLY A 80 10.17 -15.52 -26.29
CA GLY A 80 9.18 -14.56 -26.74
C GLY A 80 7.82 -14.93 -26.23
N PHE A 81 7.60 -16.22 -26.02
CA PHE A 81 6.32 -16.69 -25.51
C PHE A 81 6.09 -16.20 -24.07
N PHE A 82 7.07 -16.41 -23.20
CA PHE A 82 6.91 -15.98 -21.84
C PHE A 82 6.89 -14.46 -21.73
N LYS A 83 7.62 -13.78 -22.61
CA LYS A 83 7.59 -12.33 -22.67
C LYS A 83 6.17 -11.86 -22.99
N ASP A 84 5.54 -12.50 -23.97
CA ASP A 84 4.18 -12.15 -24.35
C ASP A 84 3.21 -12.33 -23.20
N LEU A 85 3.46 -13.36 -22.39
CA LEU A 85 2.59 -13.66 -21.26
C LEU A 85 2.72 -12.65 -20.12
N VAL A 86 3.97 -12.28 -19.80
CA VAL A 86 4.22 -11.25 -18.80
C VAL A 86 3.56 -9.93 -19.20
N GLN A 87 3.71 -9.59 -20.47
CA GLN A 87 3.23 -8.34 -21.02
C GLN A 87 1.74 -8.29 -21.28
N ALA A 88 1.11 -9.45 -21.45
CA ALA A 88 -0.33 -9.47 -21.73
C ALA A 88 -1.10 -8.65 -20.67
N PRO A 89 -1.87 -7.64 -21.10
CA PRO A 89 -2.54 -6.71 -20.17
C PRO A 89 -3.83 -7.29 -19.58
N VAL A 90 -3.71 -8.48 -19.00
CA VAL A 90 -4.86 -9.19 -18.48
C VAL A 90 -4.68 -9.50 -17.00
N GLU A 91 -5.78 -9.79 -16.31
CA GLU A 91 -5.73 -10.11 -14.90
C GLU A 91 -4.95 -11.42 -14.64
N LYS A 92 -4.08 -11.39 -13.63
CA LYS A 92 -3.21 -12.50 -13.31
C LYS A 92 -3.13 -12.66 -11.81
N LEU A 93 -2.93 -13.88 -11.38
CA LEU A 93 -2.73 -14.21 -9.99
C LEU A 93 -1.63 -15.23 -9.85
N VAL A 94 -0.73 -14.98 -8.90
N VAL A 94 -0.66 -14.99 -8.96
CA VAL A 94 0.27 -15.95 -8.50
CA VAL A 94 0.27 -16.04 -8.56
C VAL A 94 0.05 -16.34 -7.05
C VAL A 94 0.06 -16.35 -7.08
N LYS A 95 -0.22 -17.62 -6.82
CA LYS A 95 -0.32 -18.11 -5.46
C LYS A 95 0.96 -18.78 -5.06
N ILE A 96 1.48 -18.39 -3.92
CA ILE A 96 2.66 -18.97 -3.31
C ILE A 96 2.24 -19.79 -2.12
N THR A 97 2.68 -21.05 -2.05
CA THR A 97 2.52 -21.83 -0.82
C THR A 97 3.89 -22.14 -0.27
N MET A 98 4.05 -21.79 0.99
CA MET A 98 5.32 -21.97 1.67
CA MET A 98 5.31 -21.95 1.69
C MET A 98 5.61 -23.42 1.99
N ILE A 99 6.81 -23.88 1.63
CA ILE A 99 7.26 -25.20 2.02
C ILE A 99 8.27 -25.05 3.14
N LYS A 100 9.34 -24.30 2.88
CA LYS A 100 10.32 -23.98 3.91
C LYS A 100 9.82 -22.83 4.78
N PRO A 101 9.76 -23.02 6.11
CA PRO A 101 9.38 -21.92 7.00
C PRO A 101 10.28 -20.70 6.88
N LEU A 102 9.66 -19.53 6.72
CA LEU A 102 10.39 -18.28 6.58
C LEU A 102 9.73 -17.17 7.38
N THR A 103 10.54 -16.23 7.84
CA THR A 103 10.01 -15.02 8.42
C THR A 103 9.51 -14.13 7.30
N GLY A 104 8.69 -13.15 7.63
CA GLY A 104 8.27 -12.18 6.63
C GLY A 104 9.45 -11.46 6.00
N SER A 105 10.42 -11.07 6.82
N SER A 105 10.41 -11.06 6.82
CA SER A 105 11.57 -10.35 6.32
CA SER A 105 11.57 -10.33 6.31
C SER A 105 12.42 -11.19 5.38
C SER A 105 12.40 -11.19 5.35
N GLN A 106 12.51 -12.48 5.67
CA GLN A 106 13.26 -13.39 4.85
C GLN A 106 12.68 -13.51 3.48
N TYR A 107 11.37 -13.77 3.43
CA TYR A 107 10.72 -14.01 2.17
C TYR A 107 10.70 -12.73 1.36
N GLY A 108 10.24 -11.68 2.01
CA GLY A 108 10.11 -10.41 1.36
C GLY A 108 11.44 -9.88 0.87
N GLY A 109 12.47 -10.00 1.69
CA GLY A 109 13.76 -9.43 1.33
C GLY A 109 14.30 -10.07 0.08
N ALA A 110 14.08 -11.36 -0.08
CA ALA A 110 14.60 -12.06 -1.25
C ALA A 110 13.86 -11.68 -2.53
N VAL A 111 12.54 -11.54 -2.46
N VAL A 111 12.54 -11.60 -2.49
CA VAL A 111 11.79 -11.19 -3.65
CA VAL A 111 11.80 -11.28 -3.70
C VAL A 111 12.07 -9.72 -4.00
C VAL A 111 12.06 -9.81 -4.06
N GLU A 112 12.18 -8.87 -2.99
N GLU A 112 12.19 -8.98 -3.05
CA GLU A 112 12.56 -7.48 -3.20
CA GLU A 112 12.50 -7.55 -3.22
C GLU A 112 13.90 -7.38 -3.94
C GLU A 112 13.85 -7.37 -3.91
N GLU A 113 14.90 -8.10 -3.43
N GLU A 113 14.85 -8.14 -3.46
CA GLU A 113 16.22 -8.14 -4.05
CA GLU A 113 16.17 -8.08 -4.06
C GLU A 113 16.15 -8.60 -5.51
C GLU A 113 16.15 -8.60 -5.51
N ASN A 114 15.38 -9.65 -5.74
CA ASN A 114 15.20 -10.12 -7.11
C ASN A 114 14.61 -9.04 -8.04
N ILE A 115 13.53 -8.41 -7.57
CA ILE A 115 12.94 -7.36 -8.35
C ILE A 115 13.93 -6.18 -8.56
N ARG A 116 14.58 -5.75 -7.49
CA ARG A 116 15.49 -4.62 -7.55
C ARG A 116 16.63 -4.90 -8.52
N ASP A 117 17.20 -6.09 -8.43
CA ASP A 117 18.30 -6.45 -9.35
C ASP A 117 17.83 -6.45 -10.81
N ARG A 118 16.63 -6.98 -11.06
CA ARG A 118 16.05 -6.98 -12.39
CA ARG A 118 16.08 -6.98 -12.39
C ARG A 118 15.87 -5.55 -12.89
N LEU A 119 15.35 -4.67 -12.04
CA LEU A 119 15.13 -3.29 -12.49
C LEU A 119 16.42 -2.52 -12.73
N LYS A 120 17.41 -2.71 -11.87
CA LYS A 120 18.72 -2.12 -12.09
C LYS A 120 19.33 -2.58 -13.40
N ALA A 121 19.21 -3.87 -13.72
CA ALA A 121 19.75 -4.41 -14.97
C ALA A 121 19.09 -3.73 -16.19
N LEU A 122 17.85 -3.31 -16.05
CA LEU A 122 17.10 -2.66 -17.12
C LEU A 122 17.22 -1.13 -17.07
N ASP A 123 17.91 -0.60 -16.07
CA ASP A 123 17.99 0.86 -15.83
C ASP A 123 16.61 1.45 -15.65
N LYS A 124 15.78 0.68 -14.94
CA LYS A 124 14.42 1.07 -14.63
C LYS A 124 14.17 1.14 -13.12
N TYR A 125 15.23 1.25 -12.34
CA TYR A 125 15.17 1.43 -10.90
C TYR A 125 15.44 2.88 -10.55
N SER A 126 14.36 3.58 -10.24
N SER A 126 14.36 3.58 -10.25
CA SER A 126 14.41 4.99 -9.87
CA SER A 126 14.39 4.99 -9.87
C SER A 126 13.56 5.21 -8.62
C SER A 126 13.62 5.20 -8.58
N GLU A 127 13.41 6.45 -8.19
CA GLU A 127 12.75 6.73 -6.93
C GLU A 127 11.36 6.07 -6.77
N ALA A 128 10.56 6.13 -7.81
CA ALA A 128 9.23 5.53 -7.76
C ALA A 128 9.33 4.04 -7.42
N GLU A 129 10.28 3.34 -8.05
CA GLU A 129 10.39 1.92 -7.81
C GLU A 129 10.94 1.64 -6.43
N GLU A 130 11.86 2.51 -6.00
CA GLU A 130 12.40 2.41 -4.66
C GLU A 130 11.31 2.50 -3.60
N GLU A 131 10.37 3.40 -3.80
CA GLU A 131 9.27 3.59 -2.85
C GLU A 131 8.31 2.42 -2.90
N ALA A 132 8.05 1.91 -4.10
CA ALA A 132 7.20 0.70 -4.24
C ALA A 132 7.84 -0.46 -3.50
N LEU A 133 9.14 -0.68 -3.67
CA LEU A 133 9.76 -1.75 -2.93
C LEU A 133 9.86 -1.48 -1.44
N GLU A 134 9.88 -0.21 -0.98
CA GLU A 134 9.80 0.08 0.45
CA GLU A 134 9.82 0.04 0.46
C GLU A 134 8.44 -0.37 1.02
N GLU A 135 7.38 -0.13 0.24
CA GLU A 135 6.05 -0.60 0.62
C GLU A 135 5.95 -2.10 0.66
N PHE A 136 6.61 -2.77 -0.30
CA PHE A 136 6.68 -4.23 -0.33
C PHE A 136 7.31 -4.69 0.99
N ARG A 137 8.42 -4.03 1.35
CA ARG A 137 9.16 -4.37 2.56
C ARG A 137 8.36 -4.17 3.82
N GLU A 138 7.65 -3.05 3.89
CA GLU A 138 6.86 -2.71 5.04
C GLU A 138 5.77 -3.74 5.26
N PHE A 139 5.22 -4.24 4.16
CA PHE A 139 4.13 -5.20 4.23
C PHE A 139 4.63 -6.52 4.80
N PHE A 140 5.74 -7.02 4.25
CA PHE A 140 6.18 -8.37 4.63
C PHE A 140 6.81 -8.37 6.02
N LYS A 141 7.29 -7.22 6.48
CA LYS A 141 7.99 -7.20 7.76
C LYS A 141 7.12 -7.63 8.94
N THR A 142 5.81 -7.43 8.86
CA THR A 142 4.93 -7.80 9.98
C THR A 142 4.40 -9.23 9.85
N LYS A 143 4.81 -9.94 8.81
CA LYS A 143 4.21 -11.24 8.53
C LYS A 143 5.13 -12.39 8.91
N SER A 144 4.54 -13.56 9.08
CA SER A 144 5.25 -14.82 9.33
C SER A 144 4.79 -15.87 8.34
N PHE A 145 5.73 -16.70 7.89
CA PHE A 145 5.42 -17.74 6.90
C PHE A 145 5.83 -19.14 7.35
N PRO A 146 5.04 -19.72 8.26
CA PRO A 146 5.26 -21.13 8.58
C PRO A 146 4.97 -22.03 7.38
N LYS A 147 5.35 -23.30 7.45
CA LYS A 147 5.03 -24.25 6.41
C LYS A 147 3.54 -24.22 6.19
N GLY A 148 3.14 -24.18 4.93
CA GLY A 148 1.73 -24.11 4.57
C GLY A 148 1.08 -22.73 4.50
N SER A 149 1.78 -21.71 4.92
CA SER A 149 1.27 -20.36 4.77
C SER A 149 1.20 -20.00 3.27
N VAL A 150 0.35 -19.04 2.92
CA VAL A 150 0.09 -18.65 1.54
CA VAL A 150 0.16 -18.64 1.53
C VAL A 150 0.23 -17.14 1.27
N ILE A 151 0.72 -16.83 0.07
CA ILE A 151 0.76 -15.47 -0.46
C ILE A 151 0.02 -15.43 -1.76
N PHE A 152 -0.80 -14.41 -1.89
CA PHE A 152 -1.53 -14.11 -3.10
C PHE A 152 -1.09 -12.81 -3.72
N PHE A 153 -0.36 -12.91 -4.83
CA PHE A 153 0.00 -11.75 -5.63
C PHE A 153 -1.01 -11.63 -6.75
N HIS A 154 -1.74 -10.53 -6.73
CA HIS A 154 -2.78 -10.31 -7.72
C HIS A 154 -2.52 -9.06 -8.55
N TRP A 155 -2.47 -9.23 -9.86
CA TRP A 155 -2.30 -8.13 -10.81
C TRP A 155 -3.68 -7.64 -11.23
N SER A 156 -4.19 -6.68 -10.46
CA SER A 156 -5.52 -6.12 -10.66
C SER A 156 -5.54 -5.12 -11.82
N SER A 157 -4.38 -4.56 -12.10
CA SER A 157 -4.13 -3.87 -13.37
C SER A 157 -2.69 -4.17 -13.78
N PRO A 158 -2.34 -3.85 -15.03
CA PRO A 158 -0.95 -4.05 -15.44
C PRO A 158 0.07 -3.34 -14.54
N SER A 159 -0.37 -2.34 -13.77
CA SER A 159 0.55 -1.55 -12.94
C SER A 159 0.18 -1.59 -11.45
N THR A 160 -0.83 -2.42 -11.13
CA THR A 160 -1.35 -2.50 -9.78
C THR A 160 -1.19 -3.89 -9.20
N LEU A 161 -0.41 -4.00 -8.13
N LEU A 161 -0.38 -3.99 -8.14
CA LEU A 161 -0.19 -5.26 -7.47
CA LEU A 161 -0.17 -5.21 -7.40
C LEU A 161 -0.83 -5.31 -6.09
C LEU A 161 -0.92 -5.24 -6.10
N GLN A 162 -1.74 -6.27 -5.91
CA GLN A 162 -2.33 -6.53 -4.62
C GLN A 162 -1.63 -7.71 -3.97
N ILE A 163 -1.38 -7.63 -2.69
CA ILE A 163 -0.77 -8.67 -1.91
C ILE A 163 -1.65 -9.00 -0.73
N SER A 164 -1.88 -10.29 -0.53
CA SER A 164 -2.54 -10.79 0.68
CA SER A 164 -2.50 -10.75 0.70
C SER A 164 -1.85 -12.04 1.14
N VAL A 165 -2.00 -12.35 2.42
N VAL A 165 -1.94 -12.33 2.43
CA VAL A 165 -1.29 -13.43 3.09
CA VAL A 165 -1.35 -13.52 3.00
C VAL A 165 -2.16 -14.14 4.12
C VAL A 165 -2.25 -14.19 4.02
N SER A 166 -1.95 -15.45 4.33
CA SER A 166 -2.56 -16.13 5.47
C SER A 166 -1.61 -17.16 5.99
N THR A 167 -1.57 -17.30 7.30
CA THR A 167 -0.63 -18.21 7.92
C THR A 167 -1.07 -19.68 7.84
N ASP A 168 -2.36 -19.91 7.65
CA ASP A 168 -2.93 -21.26 7.75
C ASP A 168 -3.48 -21.84 6.43
N GLY A 169 -3.37 -21.08 5.34
CA GLY A 169 -3.86 -21.50 4.04
C GLY A 169 -5.28 -21.03 3.73
N SER A 170 -5.86 -20.24 4.62
CA SER A 170 -7.15 -19.65 4.33
C SER A 170 -7.01 -18.58 3.26
N LEU A 171 -8.13 -18.30 2.63
CA LEU A 171 -8.20 -17.34 1.57
C LEU A 171 -8.65 -16.01 2.14
N PRO A 172 -7.77 -15.00 2.10
CA PRO A 172 -8.16 -13.70 2.64
C PRO A 172 -9.35 -13.12 1.95
N GLU A 173 -10.10 -12.29 2.67
CA GLU A 173 -11.30 -11.67 2.14
C GLU A 173 -11.01 -10.45 1.28
N GLU A 174 -9.89 -9.79 1.57
CA GLU A 174 -9.54 -8.56 0.88
C GLU A 174 -8.05 -8.53 0.60
N ALA A 175 -7.70 -7.80 -0.46
CA ALA A 175 -6.31 -7.37 -0.65
C ALA A 175 -5.85 -6.64 0.59
N GLU A 176 -4.65 -6.98 1.07
CA GLU A 176 -4.11 -6.41 2.29
C GLU A 176 -3.14 -5.28 2.05
N ALA A 177 -2.57 -5.23 0.84
CA ALA A 177 -1.66 -4.15 0.42
C ALA A 177 -1.79 -3.97 -1.07
N THR A 178 -1.68 -2.72 -1.53
CA THR A 178 -1.77 -2.38 -2.93
C THR A 178 -0.55 -1.55 -3.28
N ILE A 179 0.20 -1.98 -4.28
CA ILE A 179 1.38 -1.22 -4.73
C ILE A 179 1.20 -0.85 -6.19
N GLU A 180 1.21 0.46 -6.48
N GLU A 180 1.28 0.45 -6.47
CA GLU A 180 1.07 0.96 -7.83
CA GLU A 180 1.09 0.99 -7.80
C GLU A 180 2.44 1.33 -8.38
C GLU A 180 2.46 1.33 -8.37
N ASN A 181 2.96 0.51 -9.29
CA ASN A 181 4.17 0.83 -10.04
C ASN A 181 4.32 -0.18 -11.15
N ALA A 182 4.26 0.27 -12.39
CA ALA A 182 4.25 -0.64 -13.53
C ALA A 182 5.54 -1.45 -13.59
N ASN A 183 6.69 -0.83 -13.32
CA ASN A 183 7.96 -1.56 -13.44
C ASN A 183 8.13 -2.67 -12.41
N VAL A 184 7.74 -2.41 -11.16
CA VAL A 184 7.79 -3.42 -10.12
C VAL A 184 6.80 -4.53 -10.42
N ALA A 185 5.60 -4.18 -10.89
CA ALA A 185 4.61 -5.22 -11.19
C ALA A 185 5.13 -6.15 -12.27
N ALA A 186 5.75 -5.61 -13.31
CA ALA A 186 6.26 -6.48 -14.40
C ALA A 186 7.46 -7.28 -13.94
N ALA A 187 8.29 -6.68 -13.12
CA ALA A 187 9.46 -7.34 -12.63
C ALA A 187 9.11 -8.50 -11.74
N LEU A 188 8.08 -8.36 -10.93
CA LEU A 188 7.65 -9.48 -10.11
C LEU A 188 7.13 -10.61 -10.96
N LEU A 189 6.36 -10.31 -11.99
CA LEU A 189 5.99 -11.41 -12.92
C LEU A 189 7.24 -12.07 -13.51
N ASP A 190 8.23 -11.27 -13.89
N ASP A 190 8.22 -11.25 -13.86
CA ASP A 190 9.44 -11.84 -14.48
CA ASP A 190 9.45 -11.72 -14.46
C ASP A 190 10.20 -12.70 -13.51
C ASP A 190 10.23 -12.64 -13.53
N VAL A 191 10.05 -12.46 -12.22
CA VAL A 191 10.68 -13.31 -11.20
C VAL A 191 10.24 -14.75 -11.44
N PHE A 192 8.98 -14.91 -11.82
CA PHE A 192 8.39 -16.25 -12.03
C PHE A 192 8.41 -16.72 -13.47
N LEU A 193 8.21 -15.81 -14.43
CA LEU A 193 8.03 -16.23 -15.80
C LEU A 193 9.12 -15.72 -16.77
N GLY A 194 10.10 -15.03 -16.22
CA GLY A 194 11.12 -14.38 -17.03
C GLY A 194 12.28 -15.29 -17.31
N LYS A 195 13.28 -14.80 -18.01
CA LYS A 195 14.48 -15.58 -18.14
C LYS A 195 15.07 -15.60 -16.72
N ASN A 196 15.83 -16.63 -16.39
CA ASN A 196 16.39 -16.74 -15.03
C ASN A 196 15.33 -16.78 -13.93
N SER A 197 14.16 -17.33 -14.28
CA SER A 197 13.08 -17.56 -13.32
C SER A 197 13.56 -18.34 -12.10
N VAL A 198 12.96 -18.03 -10.97
CA VAL A 198 13.13 -18.80 -9.76
C VAL A 198 12.57 -20.21 -9.92
N SER A 199 11.75 -20.45 -10.96
CA SER A 199 11.07 -21.76 -11.09
C SER A 199 10.85 -22.23 -12.53
N PRO A 200 11.90 -22.82 -13.14
CA PRO A 200 11.76 -23.44 -14.45
C PRO A 200 10.60 -24.46 -14.49
N SER A 201 10.36 -25.16 -13.38
CA SER A 201 9.24 -26.10 -13.31
C SER A 201 7.90 -25.42 -13.48
N THR A 202 7.71 -24.26 -12.85
CA THR A 202 6.49 -23.55 -13.03
C THR A 202 6.34 -23.13 -14.47
N LYS A 203 7.42 -22.63 -15.08
CA LYS A 203 7.35 -22.25 -16.47
C LYS A 203 7.01 -23.46 -17.35
N ALA A 204 7.57 -24.62 -17.04
CA ALA A 204 7.34 -25.83 -17.82
C ALA A 204 5.85 -26.20 -17.74
N SER A 205 5.29 -26.10 -16.55
CA SER A 205 3.89 -26.39 -16.37
C SER A 205 2.99 -25.36 -17.05
N VAL A 206 3.31 -24.07 -16.93
CA VAL A 206 2.49 -23.09 -17.63
C VAL A 206 2.49 -23.29 -19.14
N ALA A 207 3.61 -23.75 -19.69
CA ALA A 207 3.74 -23.96 -21.12
C ALA A 207 2.80 -25.09 -21.52
N GLU A 208 2.74 -26.10 -20.66
CA GLU A 208 1.82 -27.21 -20.85
C GLU A 208 0.39 -26.71 -20.85
N GLY A 209 0.09 -25.89 -19.84
CA GLY A 209 -1.26 -25.39 -19.70
C GLY A 209 -1.71 -24.50 -20.82
N ILE A 210 -0.85 -23.59 -21.28
CA ILE A 210 -1.25 -22.68 -22.35
C ILE A 210 -1.29 -23.46 -23.70
N SER A 211 -0.37 -24.39 -23.87
CA SER A 211 -0.38 -25.21 -25.09
C SER A 211 -1.72 -25.93 -25.18
N ALA A 212 -2.14 -26.54 -24.06
CA ALA A 212 -3.44 -27.20 -23.99
C ALA A 212 -4.57 -26.22 -24.28
N LEU A 213 -4.44 -25.01 -23.72
CA LEU A 213 -5.48 -24.02 -23.83
C LEU A 213 -5.63 -23.47 -25.24
N LEU A 214 -4.52 -23.40 -25.98
CA LEU A 214 -4.56 -22.96 -27.37
C LEU A 214 -4.82 -24.18 -28.27
N MET A 215 -5.56 -25.15 -27.71
CA MET A 215 -5.91 -26.43 -28.36
C MET A 215 -4.85 -26.95 -29.33
N LYS B 8 -12.52 15.50 27.71
CA LYS B 8 -12.91 16.85 28.09
C LYS B 8 -13.06 17.75 26.85
N VAL B 9 -12.33 17.40 25.77
CA VAL B 9 -12.29 18.23 24.56
C VAL B 9 -13.33 17.78 23.53
N THR B 10 -14.18 18.72 23.12
CA THR B 10 -15.29 18.43 22.24
C THR B 10 -15.34 19.39 21.10
N VAL B 11 -15.66 18.87 19.91
CA VAL B 11 -15.80 19.68 18.71
C VAL B 11 -17.09 19.25 18.02
N ASP B 12 -18.02 20.17 17.88
CA ASP B 12 -19.35 19.85 17.34
C ASP B 12 -19.91 18.58 17.98
N GLY B 13 -19.77 18.47 19.30
CA GLY B 13 -20.32 17.33 20.00
C GLY B 13 -19.42 16.10 19.99
N ILE B 14 -18.41 16.10 19.13
CA ILE B 14 -17.47 14.99 19.05
C ILE B 14 -16.33 15.12 20.05
N GLU B 15 -16.17 14.10 20.89
CA GLU B 15 -15.11 14.07 21.87
C GLU B 15 -13.80 13.56 21.28
N PHE B 16 -12.70 14.22 21.67
CA PHE B 16 -11.35 13.82 21.28
C PHE B 16 -10.54 13.41 22.51
N PRO B 17 -10.15 12.13 22.60
CA PRO B 17 -9.36 11.67 23.75
C PRO B 17 -8.09 12.49 23.98
N PRO B 18 -7.68 12.67 25.23
CA PRO B 18 -6.43 13.38 25.49
C PRO B 18 -5.22 12.70 24.85
N THR B 19 -5.27 11.37 24.74
CA THR B 19 -4.19 10.62 24.10
C THR B 19 -4.72 9.53 23.16
N ILE B 20 -3.94 9.19 22.15
CA ILE B 20 -4.24 8.06 21.28
C ILE B 20 -2.97 7.29 20.96
N THR B 21 -3.07 5.97 21.02
CA THR B 21 -2.01 5.09 20.53
C THR B 21 -2.35 4.77 19.07
N PRO B 22 -1.50 5.23 18.14
CA PRO B 22 -1.80 4.99 16.72
C PRO B 22 -1.90 3.51 16.41
N PRO B 23 -2.75 3.12 15.44
CA PRO B 23 -2.77 1.72 14.99
C PRO B 23 -1.39 1.21 14.58
N GLY B 24 -1.00 0.04 15.05
CA GLY B 24 0.28 -0.55 14.67
C GLY B 24 1.46 0.07 15.41
N SER B 25 1.15 0.78 16.49
CA SER B 25 2.15 1.46 17.30
C SER B 25 1.95 1.13 18.79
N SER B 26 3.01 1.29 19.56
CA SER B 26 2.98 1.01 21.00
C SER B 26 3.00 2.33 21.77
N LYS B 27 3.54 3.37 21.14
CA LYS B 27 3.65 4.68 21.78
C LYS B 27 2.28 5.30 21.95
N SER B 28 2.23 6.39 22.71
CA SER B 28 1.00 7.14 22.89
C SER B 28 1.31 8.59 22.55
N LEU B 29 0.37 9.22 21.84
CA LEU B 29 0.52 10.59 21.40
C LEU B 29 -0.54 11.45 22.07
N THR B 30 -0.25 12.74 22.18
CA THR B 30 -1.12 13.64 22.90
C THR B 30 -1.79 14.66 21.98
N LEU B 31 -3.05 14.96 22.29
CA LEU B 31 -3.85 15.93 21.57
C LEU B 31 -3.25 17.33 21.62
N LEU B 32 -2.82 17.86 20.46
CA LEU B 32 -2.30 19.22 20.37
C LEU B 32 -3.43 20.20 20.14
N GLY B 33 -4.47 19.71 19.49
CA GLY B 33 -5.63 20.50 19.15
C GLY B 33 -6.61 19.83 18.26
N ALA B 34 -7.82 20.38 18.21
CA ALA B 34 -8.87 19.85 17.38
C ALA B 34 -9.83 20.91 16.91
N GLY B 35 -10.45 20.62 15.77
CA GLY B 35 -11.35 21.55 15.16
C GLY B 35 -12.23 20.89 14.15
N VAL B 36 -12.96 21.72 13.42
CA VAL B 36 -13.97 21.26 12.50
C VAL B 36 -13.58 21.69 11.10
N ARG B 37 -13.87 20.82 10.15
CA ARG B 37 -13.75 21.14 8.74
C ARG B 37 -15.15 21.42 8.23
N GLY B 38 -15.35 22.68 7.89
CA GLY B 38 -16.63 23.10 7.37
C GLY B 38 -16.46 23.77 6.03
N ILE B 39 -17.49 23.62 5.20
N ILE B 39 -17.50 23.62 5.21
CA ILE B 39 -17.54 24.34 3.94
CA ILE B 39 -17.59 24.28 3.93
C ILE B 39 -18.80 25.17 3.92
C ILE B 39 -18.80 25.20 3.98
N GLU B 40 -18.70 26.35 3.32
CA GLU B 40 -19.79 27.29 3.26
C GLU B 40 -20.06 27.59 1.82
N ILE B 41 -21.34 27.54 1.45
CA ILE B 41 -21.72 27.86 0.10
C ILE B 41 -23.14 28.43 0.09
N GLU B 42 -23.28 29.61 -0.47
CA GLU B 42 -24.54 30.33 -0.50
C GLU B 42 -25.09 30.40 0.92
N ALA B 43 -24.20 30.77 1.85
CA ALA B 43 -24.56 31.04 3.23
C ALA B 43 -25.05 29.80 3.98
N ILE B 44 -24.92 28.63 3.37
CA ILE B 44 -25.23 27.38 4.03
C ILE B 44 -23.92 26.77 4.55
N GLN B 45 -23.84 26.50 5.85
CA GLN B 45 -22.61 25.97 6.47
C GLN B 45 -22.75 24.45 6.70
N ILE B 46 -21.88 23.67 6.05
N ILE B 46 -21.86 23.69 6.07
CA ILE B 46 -21.88 22.22 6.23
CA ILE B 46 -21.83 22.24 6.21
C ILE B 46 -20.64 21.79 6.99
C ILE B 46 -20.61 21.81 7.00
N LYS B 47 -20.83 21.20 8.16
CA LYS B 47 -19.75 20.61 8.93
C LYS B 47 -19.52 19.20 8.39
N VAL B 48 -18.33 18.97 7.86
CA VAL B 48 -18.02 17.75 7.15
C VAL B 48 -17.37 16.74 8.09
N THR B 49 -16.30 17.19 8.73
CA THR B 49 -15.54 16.33 9.67
C THR B 49 -15.04 17.09 10.86
N ALA B 50 -14.65 16.34 11.89
CA ALA B 50 -13.86 16.89 12.98
C ALA B 50 -12.47 16.28 12.91
N ILE B 51 -11.49 17.11 13.27
CA ILE B 51 -10.09 16.82 13.06
C ILE B 51 -9.35 17.01 14.36
N GLY B 52 -8.57 16.02 14.72
CA GLY B 52 -7.75 16.04 15.91
C GLY B 52 -6.30 15.75 15.54
N VAL B 53 -5.38 16.54 16.09
CA VAL B 53 -3.97 16.46 15.77
C VAL B 53 -3.18 16.05 17.02
N TYR B 54 -2.36 15.02 16.85
CA TYR B 54 -1.72 14.34 17.97
C TYR B 54 -0.21 14.19 17.72
N ALA B 55 0.57 14.34 18.79
CA ALA B 55 2.02 14.13 18.75
C ALA B 55 2.55 14.00 20.18
N GLU B 56 3.83 13.68 20.35
CA GLU B 56 4.40 13.65 21.70
C GLU B 56 4.82 15.05 22.15
N PRO B 57 4.21 15.57 23.24
CA PRO B 57 4.46 16.97 23.64
C PRO B 57 5.93 17.30 23.89
N GLU B 58 6.57 16.55 24.76
CA GLU B 58 7.97 16.79 25.06
C GLU B 58 8.77 16.91 23.78
N VAL B 59 8.60 15.95 22.87
CA VAL B 59 9.47 15.85 21.70
C VAL B 59 9.18 16.93 20.67
N ILE B 60 7.91 17.28 20.51
CA ILE B 60 7.55 18.29 19.53
C ILE B 60 7.94 19.67 20.06
N ALA B 61 7.83 19.85 21.38
CA ALA B 61 8.23 21.10 22.02
C ALA B 61 9.71 21.40 21.77
N SER B 62 10.53 20.35 21.75
CA SER B 62 11.97 20.51 21.59
C SER B 62 12.36 20.86 20.16
N HIS B 63 11.43 20.69 19.23
CA HIS B 63 11.66 21.18 17.86
C HIS B 63 11.08 22.58 17.63
N LEU B 64 10.37 23.11 18.62
CA LEU B 64 9.69 24.40 18.45
C LEU B 64 10.11 25.41 19.51
N GLN B 65 11.36 25.34 19.93
CA GLN B 65 11.87 26.23 20.99
C GLN B 65 11.85 27.68 20.56
N LYS B 66 12.13 27.96 19.29
CA LYS B 66 12.18 29.37 18.87
C LYS B 66 10.83 30.06 18.94
N TRP B 67 9.77 29.29 19.18
CA TRP B 67 8.41 29.82 19.21
C TRP B 67 7.94 30.09 20.64
N LYS B 68 8.81 29.79 21.59
CA LYS B 68 8.47 29.89 23.01
C LYS B 68 8.03 31.32 23.40
N GLY B 69 7.09 31.42 24.32
CA GLY B 69 6.62 32.71 24.80
C GLY B 69 5.76 33.51 23.84
N LYS B 70 5.39 32.91 22.71
CA LYS B 70 4.46 33.54 21.77
C LYS B 70 3.02 33.08 22.08
N SER B 71 2.05 33.98 21.91
CA SER B 71 0.66 33.70 22.15
C SER B 71 0.10 32.87 21.02
N ALA B 72 -1.04 32.24 21.26
CA ALA B 72 -1.72 31.52 20.21
C ALA B 72 -2.02 32.41 19.03
N SER B 73 -2.47 33.66 19.24
CA SER B 73 -2.81 34.50 18.10
CA SER B 73 -2.82 34.51 18.10
C SER B 73 -1.55 34.86 17.32
N GLU B 74 -0.43 34.94 18.02
CA GLU B 74 0.82 35.21 17.34
C GLU B 74 1.22 34.01 16.48
N LEU B 75 1.14 32.82 17.07
CA LEU B 75 1.51 31.56 16.37
C LEU B 75 0.60 31.35 15.14
N VAL B 76 -0.68 31.64 15.28
CA VAL B 76 -1.64 31.50 14.18
C VAL B 76 -1.26 32.36 13.01
N GLU B 77 -0.63 33.49 13.29
CA GLU B 77 -0.33 34.48 12.26
C GLU B 77 1.07 34.30 11.68
N ASP B 78 1.83 33.35 12.22
CA ASP B 78 3.20 33.09 11.75
C ASP B 78 3.23 31.85 10.86
N ASP B 79 3.31 32.06 9.56
CA ASP B 79 3.38 30.93 8.61
C ASP B 79 4.53 30.03 8.98
N GLY B 80 5.61 30.66 9.43
CA GLY B 80 6.81 29.95 9.79
C GLY B 80 6.56 28.92 10.86
N PHE B 81 5.64 29.22 11.77
CA PHE B 81 5.33 28.28 12.85
C PHE B 81 4.74 26.99 12.32
N PHE B 82 3.74 27.09 11.45
CA PHE B 82 3.08 25.85 11.04
C PHE B 82 4.02 25.11 10.10
N LYS B 83 4.83 25.83 9.33
CA LYS B 83 5.83 25.16 8.48
C LYS B 83 6.77 24.30 9.32
N ASP B 84 7.21 24.84 10.43
CA ASP B 84 8.08 24.09 11.33
C ASP B 84 7.38 22.91 11.97
N LEU B 85 6.09 23.05 12.24
CA LEU B 85 5.33 21.92 12.75
C LEU B 85 5.25 20.81 11.70
N VAL B 86 5.06 21.21 10.46
CA VAL B 86 4.84 20.24 9.41
C VAL B 86 6.16 19.52 9.13
N GLN B 87 7.27 20.27 9.13
CA GLN B 87 8.57 19.70 8.78
CA GLN B 87 8.56 19.70 8.79
C GLN B 87 9.20 18.93 9.95
N ALA B 88 8.76 19.19 11.18
CA ALA B 88 9.34 18.52 12.35
C ALA B 88 9.35 17.01 12.17
N PRO B 89 10.55 16.39 12.20
CA PRO B 89 10.62 14.95 11.93
C PRO B 89 10.21 14.10 13.13
N VAL B 90 8.97 14.26 13.58
CA VAL B 90 8.46 13.53 14.72
C VAL B 90 7.18 12.83 14.34
N GLU B 91 6.78 11.88 15.18
CA GLU B 91 5.59 11.10 14.95
C GLU B 91 4.36 11.99 15.11
N LYS B 92 3.42 11.84 14.19
CA LYS B 92 2.21 12.67 14.17
C LYS B 92 1.04 11.78 13.83
N LEU B 93 -0.12 12.17 14.33
CA LEU B 93 -1.35 11.46 14.05
C LEU B 93 -2.45 12.48 13.86
N VAL B 94 -3.22 12.30 12.80
CA VAL B 94 -4.41 13.10 12.56
C VAL B 94 -5.57 12.14 12.54
N LYS B 95 -6.48 12.38 13.47
CA LYS B 95 -7.72 11.60 13.57
C LYS B 95 -8.85 12.41 12.96
N ILE B 96 -9.52 11.81 11.98
CA ILE B 96 -10.68 12.39 11.31
C ILE B 96 -11.97 11.70 11.78
N THR B 97 -12.96 12.44 12.25
CA THR B 97 -14.25 11.82 12.60
C THR B 97 -15.30 12.41 11.67
N MET B 98 -16.04 11.54 11.01
CA MET B 98 -17.00 11.99 10.02
CA MET B 98 -17.00 11.94 10.01
C MET B 98 -18.27 12.55 10.65
N ILE B 99 -18.63 13.76 10.26
CA ILE B 99 -19.88 14.32 10.74
C ILE B 99 -20.91 14.00 9.65
N LYS B 100 -20.67 14.52 8.45
CA LYS B 100 -21.52 14.23 7.32
C LYS B 100 -21.13 12.90 6.68
N PRO B 101 -22.10 11.99 6.46
CA PRO B 101 -21.73 10.74 5.81
C PRO B 101 -21.26 10.95 4.38
N LEU B 102 -20.17 10.27 4.04
CA LEU B 102 -19.55 10.40 2.74
C LEU B 102 -19.18 9.04 2.21
N THR B 103 -19.12 8.89 0.90
CA THR B 103 -18.48 7.71 0.32
C THR B 103 -16.97 7.89 0.38
N GLY B 104 -16.29 6.77 0.19
CA GLY B 104 -14.85 6.79 0.18
C GLY B 104 -14.36 7.67 -0.95
N SER B 105 -14.94 7.53 -2.13
CA SER B 105 -14.55 8.35 -3.27
C SER B 105 -14.83 9.84 -3.05
N GLN B 106 -15.91 10.15 -2.35
CA GLN B 106 -16.21 11.53 -2.02
C GLN B 106 -15.11 12.09 -1.16
N TYR B 107 -14.81 11.38 -0.07
CA TYR B 107 -13.81 11.89 0.86
C TYR B 107 -12.43 11.92 0.22
N GLY B 108 -12.04 10.81 -0.40
CA GLY B 108 -10.70 10.66 -0.94
C GLY B 108 -10.39 11.58 -2.09
N GLY B 109 -11.34 11.74 -3.00
CA GLY B 109 -11.17 12.58 -4.17
C GLY B 109 -10.80 14.02 -3.81
N ALA B 110 -11.50 14.58 -2.84
CA ALA B 110 -11.21 15.95 -2.43
C ALA B 110 -9.82 16.08 -1.79
N VAL B 111 -9.42 15.12 -0.96
CA VAL B 111 -8.10 15.21 -0.35
C VAL B 111 -7.00 15.00 -1.39
N GLU B 112 -7.22 14.06 -2.29
CA GLU B 112 -6.28 13.77 -3.36
CA GLU B 112 -6.29 13.78 -3.38
C GLU B 112 -6.05 15.00 -4.23
N GLU B 113 -7.14 15.68 -4.57
CA GLU B 113 -7.03 16.89 -5.38
C GLU B 113 -6.25 17.97 -4.64
N ASN B 114 -6.46 18.07 -3.34
CA ASN B 114 -5.81 19.09 -2.54
C ASN B 114 -4.27 18.87 -2.50
N ILE B 115 -3.89 17.63 -2.25
CA ILE B 115 -2.49 17.20 -2.29
C ILE B 115 -1.88 17.49 -3.65
N ARG B 116 -2.55 17.03 -4.71
CA ARG B 116 -2.02 17.15 -6.05
C ARG B 116 -1.73 18.60 -6.37
N ASP B 117 -2.67 19.48 -6.03
CA ASP B 117 -2.47 20.87 -6.38
C ASP B 117 -1.31 21.49 -5.61
N ARG B 118 -1.13 21.10 -4.36
CA ARG B 118 -0.03 21.62 -3.56
C ARG B 118 1.29 21.13 -4.13
N LEU B 119 1.32 19.88 -4.57
CA LEU B 119 2.55 19.33 -5.11
C LEU B 119 2.91 20.00 -6.45
N LYS B 120 1.92 20.25 -7.27
CA LYS B 120 2.20 20.87 -8.58
C LYS B 120 2.77 22.27 -8.35
N ALA B 121 2.17 23.01 -7.43
CA ALA B 121 2.67 24.35 -7.15
C ALA B 121 4.13 24.38 -6.67
N LEU B 122 4.54 23.34 -5.98
CA LEU B 122 5.90 23.19 -5.50
C LEU B 122 6.85 22.54 -6.51
N ASP B 123 6.33 22.19 -7.68
CA ASP B 123 7.07 21.45 -8.69
C ASP B 123 7.59 20.13 -8.11
N LYS B 124 6.72 19.46 -7.35
CA LYS B 124 7.08 18.20 -6.70
C LYS B 124 6.11 17.12 -7.04
N TYR B 125 5.53 17.21 -8.22
CA TYR B 125 4.54 16.24 -8.65
C TYR B 125 5.06 15.40 -9.82
N SER B 126 5.83 14.36 -9.54
CA SER B 126 6.37 13.48 -10.60
C SER B 126 5.75 12.11 -10.50
N GLU B 127 6.26 11.16 -11.26
CA GLU B 127 5.71 9.80 -11.28
C GLU B 127 5.57 9.18 -9.90
N ALA B 128 6.55 9.35 -9.01
CA ALA B 128 6.44 8.75 -7.70
C ALA B 128 5.24 9.29 -6.90
N GLU B 129 5.01 10.58 -6.99
CA GLU B 129 3.86 11.12 -6.31
C GLU B 129 2.55 10.75 -6.97
N GLU B 130 2.49 10.69 -8.30
CA GLU B 130 1.29 10.18 -8.98
C GLU B 130 0.93 8.80 -8.50
N GLU B 131 1.92 7.92 -8.44
CA GLU B 131 1.67 6.56 -7.99
C GLU B 131 1.21 6.50 -6.53
N ALA B 132 1.79 7.32 -5.66
CA ALA B 132 1.42 7.38 -4.26
C ALA B 132 -0.05 7.82 -4.15
N LEU B 133 -0.44 8.79 -4.99
N LEU B 133 -0.43 8.75 -5.01
CA LEU B 133 -1.82 9.29 -4.97
CA LEU B 133 -1.79 9.27 -4.96
C LEU B 133 -2.78 8.27 -5.56
C LEU B 133 -2.77 8.26 -5.53
N GLU B 134 -2.33 7.45 -6.50
CA GLU B 134 -3.10 6.35 -7.02
CA GLU B 134 -3.14 6.36 -7.01
C GLU B 134 -3.36 5.34 -5.89
N GLU B 135 -2.35 5.10 -5.05
CA GLU B 135 -2.54 4.20 -3.90
C GLU B 135 -3.56 4.75 -2.92
N PHE B 136 -3.46 6.06 -2.69
CA PHE B 136 -4.42 6.78 -1.86
C PHE B 136 -5.82 6.58 -2.45
N ARG B 137 -5.98 6.80 -3.75
CA ARG B 137 -7.29 6.63 -4.38
CA ARG B 137 -7.30 6.63 -4.38
C ARG B 137 -7.80 5.19 -4.27
N GLU B 138 -6.92 4.23 -4.54
CA GLU B 138 -7.28 2.82 -4.41
C GLU B 138 -7.76 2.49 -3.00
N PHE B 139 -7.13 3.05 -1.98
CA PHE B 139 -7.52 2.76 -0.60
C PHE B 139 -8.91 3.26 -0.31
N PHE B 140 -9.19 4.47 -0.74
CA PHE B 140 -10.42 5.10 -0.34
C PHE B 140 -11.59 4.58 -1.19
N LYS B 141 -11.28 4.05 -2.37
CA LYS B 141 -12.33 3.64 -3.31
C LYS B 141 -13.25 2.62 -2.68
N THR B 142 -12.63 1.73 -1.90
CA THR B 142 -13.27 0.61 -1.23
C THR B 142 -14.16 1.02 -0.04
N LYS B 143 -13.99 2.24 0.48
CA LYS B 143 -14.53 2.59 1.79
C LYS B 143 -15.83 3.34 1.73
N SER B 144 -16.47 3.36 2.89
CA SER B 144 -17.67 4.14 3.14
C SER B 144 -17.46 4.80 4.49
N PHE B 145 -17.98 6.01 4.61
CA PHE B 145 -17.82 6.80 5.83
C PHE B 145 -19.14 7.30 6.37
N PRO B 146 -19.82 6.44 7.13
CA PRO B 146 -21.03 6.93 7.83
C PRO B 146 -20.67 7.89 8.94
N LYS B 147 -21.69 8.61 9.42
CA LYS B 147 -21.48 9.49 10.55
C LYS B 147 -20.79 8.70 11.67
N GLY B 148 -19.72 9.28 12.22
CA GLY B 148 -19.01 8.69 13.34
C GLY B 148 -17.89 7.75 12.93
N SER B 149 -17.82 7.44 11.65
CA SER B 149 -16.66 6.72 11.17
C SER B 149 -15.40 7.58 11.34
N VAL B 150 -14.26 6.90 11.43
CA VAL B 150 -13.01 7.59 11.66
C VAL B 150 -11.92 7.13 10.69
N ILE B 151 -11.07 8.09 10.35
CA ILE B 151 -9.84 7.89 9.59
C ILE B 151 -8.67 8.25 10.49
N PHE B 152 -7.67 7.38 10.53
CA PHE B 152 -6.42 7.63 11.21
C PHE B 152 -5.32 7.80 10.21
N PHE B 153 -4.78 9.02 10.09
CA PHE B 153 -3.59 9.28 9.32
C PHE B 153 -2.40 9.30 10.28
N HIS B 154 -1.40 8.49 10.01
CA HIS B 154 -0.28 8.38 10.93
C HIS B 154 1.02 8.57 10.18
N TRP B 155 1.82 9.52 10.65
CA TRP B 155 3.15 9.78 10.11
C TRP B 155 4.15 9.12 11.04
N SER B 156 4.57 7.91 10.70
CA SER B 156 5.55 7.20 11.50
C SER B 156 6.90 7.80 11.19
N SER B 157 7.27 7.72 9.92
CA SER B 157 8.47 8.40 9.44
C SER B 157 8.04 9.61 8.63
N PRO B 158 8.99 10.52 8.36
CA PRO B 158 8.63 11.68 7.55
C PRO B 158 8.24 11.32 6.12
N SER B 159 8.48 10.09 5.67
CA SER B 159 8.06 9.71 4.33
C SER B 159 7.05 8.59 4.34
N THR B 160 6.68 8.13 5.53
CA THR B 160 5.81 6.99 5.70
C THR B 160 4.49 7.36 6.29
N LEU B 161 3.46 7.30 5.47
CA LEU B 161 2.10 7.58 5.89
C LEU B 161 1.33 6.28 6.03
N GLN B 162 0.70 6.07 7.19
CA GLN B 162 -0.18 4.95 7.38
C GLN B 162 -1.60 5.47 7.44
N ILE B 163 -2.51 4.75 6.79
CA ILE B 163 -3.91 5.08 6.84
C ILE B 163 -4.69 3.90 7.37
N SER B 164 -5.59 4.16 8.29
N SER B 164 -5.61 4.15 8.29
CA SER B 164 -6.57 3.16 8.75
CA SER B 164 -6.55 3.11 8.72
C SER B 164 -7.93 3.80 8.85
C SER B 164 -7.91 3.73 9.00
N VAL B 165 -8.97 2.98 8.71
CA VAL B 165 -10.34 3.44 8.75
C VAL B 165 -11.12 2.48 9.62
N SER B 166 -12.03 3.01 10.42
CA SER B 166 -12.96 2.17 11.16
CA SER B 166 -12.95 2.20 11.22
C SER B 166 -14.34 2.79 11.11
N THR B 167 -15.29 2.06 10.52
CA THR B 167 -16.60 2.65 10.33
C THR B 167 -17.41 2.79 11.63
N ASP B 168 -17.01 2.06 12.70
CA ASP B 168 -17.61 2.09 14.04
CA ASP B 168 -17.73 2.19 13.96
C ASP B 168 -17.10 3.24 14.87
N GLY B 169 -15.94 3.77 14.49
CA GLY B 169 -15.31 4.82 15.27
C GLY B 169 -14.27 4.26 16.22
N SER B 170 -14.15 2.94 16.26
CA SER B 170 -13.22 2.31 17.18
C SER B 170 -11.79 2.41 16.65
N LEU B 171 -10.84 2.22 17.55
CA LEU B 171 -9.43 2.37 17.22
C LEU B 171 -8.90 1.06 16.69
N PRO B 172 -8.43 1.02 15.42
CA PRO B 172 -7.81 -0.21 14.93
C PRO B 172 -6.50 -0.51 15.66
N GLU B 173 -6.15 -1.76 15.85
CA GLU B 173 -4.89 -2.06 16.54
C GLU B 173 -3.73 -2.08 15.56
N GLU B 174 -4.02 -2.32 14.29
CA GLU B 174 -2.99 -2.33 13.25
C GLU B 174 -3.32 -1.36 12.11
N ALA B 175 -2.27 -0.82 11.48
CA ALA B 175 -2.46 0.04 10.32
C ALA B 175 -2.96 -0.76 9.12
N GLU B 176 -3.79 -0.12 8.31
CA GLU B 176 -4.43 -0.74 7.16
C GLU B 176 -3.70 -0.59 5.83
N ALA B 177 -3.13 0.58 5.57
CA ALA B 177 -2.36 0.82 4.35
C ALA B 177 -1.14 1.65 4.65
N THR B 178 -0.10 1.51 3.84
CA THR B 178 1.13 2.28 3.99
C THR B 178 1.48 2.86 2.64
N ILE B 179 1.81 4.14 2.63
CA ILE B 179 2.20 4.83 1.43
C ILE B 179 3.52 5.52 1.71
N GLU B 180 4.51 5.19 0.89
CA GLU B 180 5.88 5.67 1.00
C GLU B 180 6.15 6.75 -0.02
N ASN B 181 6.09 8.00 0.40
CA ASN B 181 6.45 9.12 -0.45
C ASN B 181 6.47 10.37 0.41
N ALA B 182 7.65 11.00 0.46
CA ALA B 182 7.82 12.08 1.39
C ALA B 182 6.99 13.30 1.01
N ASN B 183 6.92 13.57 -0.28
CA ASN B 183 6.21 14.77 -0.74
C ASN B 183 4.72 14.66 -0.49
N VAL B 184 4.18 13.46 -0.72
CA VAL B 184 2.75 13.28 -0.50
C VAL B 184 2.45 13.34 0.99
N ALA B 185 3.30 12.75 1.81
CA ALA B 185 3.08 12.73 3.25
C ALA B 185 3.08 14.18 3.76
N ALA B 186 4.03 14.96 3.27
CA ALA B 186 4.09 16.39 3.68
C ALA B 186 2.90 17.17 3.18
N ALA B 187 2.56 17.03 1.91
CA ALA B 187 1.37 17.67 1.34
C ALA B 187 0.11 17.31 2.12
N LEU B 188 -0.05 16.06 2.57
CA LEU B 188 -1.24 15.74 3.34
C LEU B 188 -1.24 16.49 4.68
N LEU B 189 -0.08 16.65 5.33
CA LEU B 189 -0.02 17.42 6.57
CA LEU B 189 -0.08 17.39 6.57
C LEU B 189 -0.44 18.86 6.27
N ASP B 190 0.02 19.36 5.13
CA ASP B 190 -0.29 20.74 4.76
C ASP B 190 -1.78 20.92 4.49
N VAL B 191 -2.48 19.86 4.09
CA VAL B 191 -3.95 19.98 3.92
C VAL B 191 -4.58 20.53 5.20
N PHE B 192 -4.05 20.11 6.34
CA PHE B 192 -4.59 20.42 7.64
C PHE B 192 -3.88 21.61 8.30
N LEU B 193 -2.59 21.73 8.06
CA LEU B 193 -1.74 22.68 8.81
C LEU B 193 -1.04 23.71 7.95
N GLY B 194 -1.24 23.66 6.64
CA GLY B 194 -0.57 24.61 5.76
C GLY B 194 -1.43 25.82 5.47
N LYS B 195 -1.01 26.63 4.50
CA LYS B 195 -1.83 27.74 4.01
C LYS B 195 -3.08 27.26 3.29
N ASN B 196 -4.16 28.00 3.44
CA ASN B 196 -5.46 27.58 2.94
C ASN B 196 -5.82 26.18 3.43
N SER B 197 -5.60 25.97 4.73
CA SER B 197 -6.02 24.76 5.44
C SER B 197 -7.51 24.45 5.23
N VAL B 198 -7.87 23.16 5.26
CA VAL B 198 -9.29 22.79 5.23
C VAL B 198 -9.98 23.22 6.55
N SER B 199 -9.20 23.45 7.61
CA SER B 199 -9.74 23.78 8.93
C SER B 199 -8.90 24.80 9.69
N PRO B 200 -9.16 26.11 9.44
CA PRO B 200 -8.51 27.14 10.24
C PRO B 200 -8.75 26.94 11.72
N SER B 201 -9.89 26.41 12.09
CA SER B 201 -10.19 26.19 13.50
C SER B 201 -9.29 25.17 14.12
N THR B 202 -8.98 24.11 13.39
CA THR B 202 -8.04 23.16 13.92
C THR B 202 -6.67 23.79 14.12
N LYS B 203 -6.20 24.56 13.15
CA LYS B 203 -4.93 25.29 13.32
C LYS B 203 -4.92 26.25 14.51
N ALA B 204 -6.03 26.93 14.74
CA ALA B 204 -6.13 27.85 15.88
C ALA B 204 -6.03 27.05 17.19
N SER B 205 -6.70 25.90 17.24
CA SER B 205 -6.65 25.07 18.40
C SER B 205 -5.29 24.44 18.58
N VAL B 206 -4.64 24.00 17.49
CA VAL B 206 -3.27 23.53 17.63
C VAL B 206 -2.34 24.65 18.14
N ALA B 207 -2.52 25.86 17.62
CA ALA B 207 -1.70 26.98 18.08
C ALA B 207 -1.91 27.19 19.57
N GLU B 208 -3.16 27.13 20.03
CA GLU B 208 -3.44 27.22 21.46
C GLU B 208 -2.70 26.12 22.23
N GLY B 209 -2.76 24.90 21.74
CA GLY B 209 -2.13 23.83 22.48
C GLY B 209 -0.65 23.88 22.53
N ILE B 210 -0.03 24.32 21.44
CA ILE B 210 1.42 24.39 21.39
C ILE B 210 1.86 25.63 22.16
N SER B 211 1.05 26.68 22.11
CA SER B 211 1.31 27.90 22.89
C SER B 211 1.49 27.54 24.36
N ALA B 212 0.49 26.85 24.90
CA ALA B 212 0.51 26.38 26.28
C ALA B 212 1.69 25.49 26.58
N LEU B 213 1.95 24.53 25.68
CA LEU B 213 3.03 23.57 25.87
C LEU B 213 4.39 24.23 26.02
N LEU B 214 4.63 25.31 25.29
CA LEU B 214 5.94 25.91 25.23
C LEU B 214 6.23 26.80 26.46
N MET B 215 5.17 27.19 27.16
CA MET B 215 5.33 28.06 28.33
C MET B 215 5.03 27.26 29.60
CL CL C . 8.25 -17.65 -4.24
CL CL D . -10.95 15.99 6.75
CL CL E . -5.73 29.23 6.80
#